data_7BEM
#
_entry.id   7BEM
#
_cell.length_a   173.614
_cell.length_b   173.614
_cell.length_c   120.642
_cell.angle_alpha   90.000
_cell.angle_beta   90.000
_cell.angle_gamma   120.000
#
_symmetry.space_group_name_H-M   'P 62 2 2'
#
loop_
_entity.id
_entity.type
_entity.pdbx_description
1 polymer 'COVOX-269 Vh domain'
2 polymer 'COVOX-269 Vl domain'
3 polymer 'Spike glycoprotein'
4 branched 2-acetamido-2-deoxy-beta-D-glucopyranose-(1-4)-[alpha-L-fucopyranose-(1-6)]2-acetamido-2-deoxy-beta-D-glucopyranose
5 non-polymer GLYCEROL
6 non-polymer 'CHLORIDE ION'
7 non-polymer 'PHOSPHATE ION'
8 non-polymer PROLINE
9 water water
#
loop_
_entity_poly.entity_id
_entity_poly.type
_entity_poly.pdbx_seq_one_letter_code
_entity_poly.pdbx_strand_id
1 'polypeptide(L)'
;QVQLVESGGGLIQPGGSLRLSCAASGLTVNRNYMSWIRQAPGKGLEWVSVIYSGGSTFYADSVKGRFTISRDNSKNTLSL
QMNSLRAEDTAIYYCARDFYEGSFDIWGQGTMVTVSSASTGGSGGGGSGGGGSGG
;
H
2 'polypeptide(L)'
;GASAIQLTQSPSFLSASIGDRVTITCRASQGISSYLAWYQQKPGKAPKLLIYAASTLQSGVPSRFSGSGSGTEFTLTISS
LQPEDFASYYCQQLNSYPAPVFGPGTKVDIKAAALVPRGSSAWSHPQFEKGGSGGGSGGSAWSHPQFEK
;
L
3 'polypeptide(L)'
;ETGHHHHHHTNLCPFGEVFNATRFASVYAWNRKRISNCVADYSVLYNSASFSTFKCYGVSPTKLNDLCFTNVYADSFVIR
GDEVRQIAPGQTGKIADYNYKLPDDFTGCVIAWNSNNLDSKVGGNYNYLYRLFRKSNLKPFERDISTEIYQAGSTPCNGV
EGFNCYFPLQSYGFQPTNGVGYQPYRVVVLSFELLHAPATVCGKK
;
E
#
# COMPACT_ATOMS: atom_id res chain seq x y z
N GLN A 1 -9.85 22.45 -12.36
CA GLN A 1 -8.79 22.03 -13.28
C GLN A 1 -8.59 20.52 -13.27
N VAL A 2 -8.40 19.98 -12.08
CA VAL A 2 -8.17 18.55 -11.91
C VAL A 2 -9.50 17.83 -11.86
N GLN A 3 -9.60 16.69 -12.54
CA GLN A 3 -10.82 15.89 -12.53
C GLN A 3 -10.56 14.54 -13.16
N LEU A 4 -11.39 13.56 -12.79
CA LEU A 4 -11.45 12.25 -13.42
C LEU A 4 -12.89 12.03 -13.88
N VAL A 5 -13.07 11.46 -15.07
CA VAL A 5 -14.40 11.29 -15.64
C VAL A 5 -14.56 9.85 -16.08
N GLU A 6 -15.36 9.08 -15.34
CA GLU A 6 -15.65 7.72 -15.72
C GLU A 6 -16.65 7.68 -16.86
N SER A 7 -16.71 6.54 -17.53
CA SER A 7 -17.63 6.30 -18.64
C SER A 7 -17.61 4.82 -18.96
N GLY A 8 -18.66 4.36 -19.64
CA GLY A 8 -18.75 2.99 -20.10
C GLY A 8 -19.69 2.08 -19.33
N GLY A 9 -20.28 2.55 -18.23
CA GLY A 9 -21.23 1.72 -17.50
C GLY A 9 -22.51 1.49 -18.28
N GLY A 10 -23.29 0.52 -17.82
CA GLY A 10 -24.54 0.21 -18.49
C GLY A 10 -25.19 -1.02 -17.90
N LEU A 11 -26.14 -1.57 -18.65
CA LEU A 11 -26.88 -2.75 -18.23
C LEU A 11 -26.43 -3.94 -19.05
N ILE A 12 -26.06 -5.02 -18.38
CA ILE A 12 -25.49 -6.18 -19.05
C ILE A 12 -25.99 -7.45 -18.38
N GLN A 13 -26.16 -8.50 -19.19
CA GLN A 13 -26.55 -9.80 -18.70
C GLN A 13 -25.40 -10.45 -17.93
N PRO A 14 -25.69 -11.44 -17.09
CA PRO A 14 -24.61 -12.18 -16.42
C PRO A 14 -23.75 -12.93 -17.41
N GLY A 15 -22.46 -13.02 -17.10
CA GLY A 15 -21.49 -13.61 -18.00
C GLY A 15 -21.07 -12.72 -19.13
N GLY A 16 -21.78 -11.62 -19.37
CA GLY A 16 -21.37 -10.64 -20.35
C GLY A 16 -20.18 -9.83 -19.85
N SER A 17 -19.69 -8.97 -20.73
CA SER A 17 -18.51 -8.19 -20.43
C SER A 17 -18.79 -6.70 -20.59
N LEU A 18 -17.97 -5.89 -19.95
CA LEU A 18 -18.09 -4.44 -19.97
C LEU A 18 -16.70 -3.84 -19.79
N ARG A 19 -16.48 -2.67 -20.40
CA ARG A 19 -15.19 -2.00 -20.33
C ARG A 19 -15.39 -0.54 -19.94
N LEU A 20 -14.73 -0.13 -18.86
CA LEU A 20 -14.86 1.24 -18.36
C LEU A 20 -13.62 2.05 -18.65
N SER A 21 -13.81 3.36 -18.82
CA SER A 21 -12.74 4.29 -19.13
C SER A 21 -12.78 5.47 -18.17
N CYS A 22 -11.60 5.96 -17.80
CA CYS A 22 -11.45 7.05 -16.85
C CYS A 22 -10.52 8.08 -17.49
N ALA A 23 -11.08 9.20 -17.94
CA ALA A 23 -10.29 10.25 -18.58
C ALA A 23 -9.82 11.24 -17.53
N ALA A 24 -8.50 11.38 -17.42
CA ALA A 24 -7.87 12.26 -16.45
C ALA A 24 -7.49 13.59 -17.08
N SER A 25 -7.46 14.63 -16.25
CA SER A 25 -6.88 15.91 -16.64
C SER A 25 -6.34 16.58 -15.38
N GLY A 26 -5.29 17.38 -15.56
CA GLY A 26 -4.59 17.89 -14.40
C GLY A 26 -3.82 16.86 -13.63
N LEU A 27 -3.67 15.65 -14.18
CA LEU A 27 -3.04 14.54 -13.49
C LEU A 27 -2.64 13.50 -14.53
N THR A 28 -1.44 12.94 -14.37
CA THR A 28 -0.89 12.01 -15.36
C THR A 28 -1.07 10.58 -14.87
N VAL A 29 -1.83 9.79 -15.64
CA VAL A 29 -2.24 8.47 -15.17
C VAL A 29 -1.03 7.55 -14.98
N ASN A 30 -0.16 7.46 -15.99
CA ASN A 30 0.91 6.47 -15.86
C ASN A 30 1.95 6.85 -14.82
N ARG A 31 1.83 8.03 -14.20
CA ARG A 31 2.74 8.46 -13.16
C ARG A 31 2.15 8.29 -11.76
N ASN A 32 0.97 7.69 -11.65
CA ASN A 32 0.23 7.66 -10.39
C ASN A 32 -0.23 6.25 -10.05
N TYR A 33 -0.48 6.04 -8.76
CA TYR A 33 -1.29 4.92 -8.30
C TYR A 33 -2.74 5.18 -8.66
N MET A 34 -3.27 4.46 -9.63
CA MET A 34 -4.65 4.65 -10.05
C MET A 34 -5.43 3.39 -9.71
N SER A 35 -6.49 3.56 -8.92
CA SER A 35 -7.29 2.45 -8.46
C SER A 35 -8.72 2.58 -8.98
N TRP A 36 -9.40 1.44 -9.07
CA TRP A 36 -10.84 1.38 -9.27
C TRP A 36 -11.49 0.98 -7.96
N ILE A 37 -12.54 1.71 -7.59
CA ILE A 37 -13.27 1.46 -6.35
C ILE A 37 -14.75 1.44 -6.68
N ARG A 38 -15.46 0.41 -6.22
CA ARG A 38 -16.87 0.29 -6.51
C ARG A 38 -17.69 0.29 -5.22
N GLN A 39 -18.99 0.57 -5.36
CA GLN A 39 -19.90 0.59 -4.23
C GLN A 39 -21.24 0.03 -4.66
N ALA A 40 -21.58 -1.15 -4.15
CA ALA A 40 -22.86 -1.76 -4.49
C ALA A 40 -24.00 -0.87 -3.98
N PRO A 41 -25.16 -0.87 -4.65
CA PRO A 41 -26.27 -0.02 -4.20
C PRO A 41 -26.63 -0.31 -2.75
N GLY A 42 -26.43 0.67 -1.88
CA GLY A 42 -26.77 0.53 -0.48
C GLY A 42 -25.69 -0.06 0.39
N LYS A 43 -24.60 -0.58 -0.18
CA LYS A 43 -23.55 -1.18 0.62
C LYS A 43 -22.36 -0.23 0.72
N GLY A 44 -21.22 -0.74 1.19
CA GLY A 44 -20.06 0.09 1.46
C GLY A 44 -19.11 0.20 0.28
N LEU A 45 -17.96 0.78 0.56
CA LEU A 45 -16.91 0.95 -0.45
C LEU A 45 -16.09 -0.33 -0.55
N GLU A 46 -15.81 -0.75 -1.78
CA GLU A 46 -15.00 -1.93 -2.05
C GLU A 46 -13.96 -1.57 -3.09
N TRP A 47 -12.69 -1.60 -2.69
CA TRP A 47 -11.61 -1.44 -3.66
C TRP A 47 -11.60 -2.62 -4.60
N VAL A 48 -11.29 -2.35 -5.87
CA VAL A 48 -11.31 -3.36 -6.93
C VAL A 48 -9.90 -3.66 -7.42
N SER A 49 -9.21 -2.66 -7.95
CA SER A 49 -7.96 -2.89 -8.65
C SER A 49 -7.13 -1.62 -8.62
N VAL A 50 -5.82 -1.79 -8.79
CA VAL A 50 -4.89 -0.68 -8.86
C VAL A 50 -3.85 -1.01 -9.91
N ILE A 51 -3.26 0.04 -10.49
CA ILE A 51 -2.12 -0.10 -11.39
C ILE A 51 -1.05 0.89 -10.95
N TYR A 52 0.15 0.38 -10.68
CA TYR A 52 1.26 1.21 -10.24
C TYR A 52 1.82 2.00 -11.42
N SER A 53 2.58 3.05 -11.11
CA SER A 53 3.25 3.81 -12.16
C SER A 53 4.24 2.92 -12.91
N GLY A 54 4.94 2.05 -12.18
CA GLY A 54 5.83 1.08 -12.78
C GLY A 54 5.15 0.02 -13.62
N GLY A 55 3.83 -0.10 -13.52
CA GLY A 55 3.08 -1.04 -14.33
C GLY A 55 2.49 -2.21 -13.58
N SER A 56 2.93 -2.47 -12.35
CA SER A 56 2.34 -3.56 -11.58
C SER A 56 0.84 -3.34 -11.42
N THR A 57 0.09 -4.44 -11.44
CA THR A 57 -1.35 -4.39 -11.22
C THR A 57 -1.74 -5.40 -10.14
N PHE A 58 -2.77 -5.03 -9.36
CA PHE A 58 -3.30 -5.89 -8.31
C PHE A 58 -4.81 -5.82 -8.29
N TYR A 59 -5.43 -6.91 -7.83
CA TYR A 59 -6.87 -7.04 -7.89
C TYR A 59 -7.40 -7.59 -6.57
N ALA A 60 -8.66 -7.25 -6.28
CA ALA A 60 -9.40 -7.89 -5.20
C ALA A 60 -9.73 -9.33 -5.57
N ASP A 61 -9.78 -10.20 -4.56
CA ASP A 61 -10.07 -11.60 -4.81
C ASP A 61 -11.40 -11.80 -5.53
N SER A 62 -12.40 -10.97 -5.22
CA SER A 62 -13.72 -11.15 -5.80
C SER A 62 -13.76 -10.82 -7.29
N VAL A 63 -12.70 -10.24 -7.86
CA VAL A 63 -12.64 -9.92 -9.27
C VAL A 63 -11.43 -10.52 -9.97
N LYS A 64 -10.60 -11.27 -9.25
CA LYS A 64 -9.36 -11.78 -9.82
C LYS A 64 -9.68 -12.78 -10.93
N GLY A 65 -9.04 -12.61 -12.08
CA GLY A 65 -9.28 -13.47 -13.22
C GLY A 65 -10.49 -13.08 -14.06
N ARG A 66 -11.26 -12.09 -13.64
CA ARG A 66 -12.38 -11.61 -14.42
C ARG A 66 -12.24 -10.15 -14.81
N PHE A 67 -11.45 -9.37 -14.08
CA PHE A 67 -11.27 -7.96 -14.32
C PHE A 67 -9.83 -7.71 -14.71
N THR A 68 -9.63 -6.77 -15.62
CA THR A 68 -8.28 -6.38 -16.03
C THR A 68 -8.23 -4.87 -16.11
N ILE A 69 -7.28 -4.27 -15.40
CA ILE A 69 -7.06 -2.84 -15.42
C ILE A 69 -5.95 -2.54 -16.41
N SER A 70 -6.02 -1.39 -17.06
CA SER A 70 -4.99 -0.99 -18.02
C SER A 70 -5.01 0.53 -18.14
N ARG A 71 -4.02 1.06 -18.85
CA ARG A 71 -3.95 2.50 -19.07
C ARG A 71 -3.51 2.78 -20.50
N ASP A 72 -3.84 3.98 -20.95
CA ASP A 72 -3.50 4.46 -22.29
C ASP A 72 -2.66 5.72 -22.10
N ASN A 73 -1.34 5.54 -22.12
CA ASN A 73 -0.43 6.67 -21.95
C ASN A 73 -0.69 7.75 -23.00
N SER A 74 -1.16 7.35 -24.19
CA SER A 74 -1.41 8.32 -25.26
C SER A 74 -2.59 9.23 -24.93
N LYS A 75 -3.67 8.69 -24.40
CA LYS A 75 -4.87 9.46 -24.12
C LYS A 75 -5.06 9.80 -22.65
N ASN A 76 -4.05 9.54 -21.82
CA ASN A 76 -4.10 9.82 -20.38
C ASN A 76 -5.38 9.25 -19.77
N THR A 77 -5.51 7.93 -19.91
CA THR A 77 -6.76 7.24 -19.60
C THR A 77 -6.45 5.98 -18.82
N LEU A 78 -7.41 5.59 -17.98
CA LEU A 78 -7.39 4.37 -17.22
C LEU A 78 -8.61 3.54 -17.62
N SER A 79 -8.43 2.23 -17.71
CA SER A 79 -9.50 1.37 -18.19
C SER A 79 -9.68 0.18 -17.26
N LEU A 80 -10.89 -0.35 -17.24
CA LEU A 80 -11.20 -1.57 -16.50
C LEU A 80 -12.00 -2.50 -17.39
N GLN A 81 -11.40 -3.64 -17.77
CA GLN A 81 -12.09 -4.67 -18.53
C GLN A 81 -12.74 -5.64 -17.56
N MET A 82 -14.07 -5.71 -17.58
CA MET A 82 -14.85 -6.52 -16.64
C MET A 82 -15.52 -7.66 -17.40
N ASN A 83 -15.05 -8.88 -17.17
CA ASN A 83 -15.54 -10.06 -17.87
C ASN A 83 -16.30 -10.98 -16.92
N SER A 84 -17.13 -11.83 -17.50
CA SER A 84 -17.85 -12.86 -16.76
C SER A 84 -18.60 -12.25 -15.58
N LEU A 85 -19.38 -11.21 -15.86
CA LEU A 85 -19.98 -10.40 -14.81
C LEU A 85 -21.05 -11.17 -14.07
N ARG A 86 -21.15 -10.88 -12.77
CA ARG A 86 -22.09 -11.51 -11.85
C ARG A 86 -22.97 -10.43 -11.22
N ALA A 87 -24.05 -10.87 -10.56
CA ALA A 87 -24.95 -9.91 -9.92
C ALA A 87 -24.22 -9.09 -8.86
N GLU A 88 -23.35 -9.74 -8.09
CA GLU A 88 -22.61 -9.02 -7.07
C GLU A 88 -21.64 -7.98 -7.64
N ASP A 89 -21.49 -7.93 -8.97
CA ASP A 89 -20.68 -6.89 -9.59
C ASP A 89 -21.46 -5.61 -9.85
N THR A 90 -22.78 -5.61 -9.62
CA THR A 90 -23.59 -4.42 -9.79
C THR A 90 -23.19 -3.36 -8.77
N ALA A 91 -22.72 -2.22 -9.28
CA ALA A 91 -22.17 -1.18 -8.42
C ALA A 91 -21.95 0.08 -9.24
N ILE A 92 -21.75 1.19 -8.54
CA ILE A 92 -21.19 2.39 -9.14
C ILE A 92 -19.68 2.29 -9.04
N TYR A 93 -19.00 2.46 -10.17
CA TYR A 93 -17.54 2.28 -10.26
C TYR A 93 -16.86 3.64 -10.34
N TYR A 94 -15.90 3.86 -9.44
CA TYR A 94 -15.13 5.08 -9.37
C TYR A 94 -13.65 4.80 -9.67
N CYS A 95 -13.02 5.68 -10.43
CA CYS A 95 -11.57 5.70 -10.52
C CYS A 95 -11.04 6.81 -9.62
N ALA A 96 -9.94 6.54 -8.93
CA ALA A 96 -9.39 7.52 -8.02
C ALA A 96 -7.87 7.40 -8.01
N ARG A 97 -7.21 8.50 -7.67
CA ARG A 97 -5.77 8.56 -7.56
C ARG A 97 -5.36 8.42 -6.10
N ASP A 98 -4.44 7.49 -5.84
CA ASP A 98 -3.81 7.35 -4.53
C ASP A 98 -2.59 8.26 -4.48
N PHE A 99 -2.54 9.15 -3.50
CA PHE A 99 -1.38 10.01 -3.32
C PHE A 99 -0.57 9.69 -2.08
N TYR A 100 -1.08 8.86 -1.17
CA TYR A 100 -0.30 8.44 0.00
C TYR A 100 -0.89 7.15 0.57
N GLU A 101 -0.26 6.02 0.25
CA GLU A 101 -0.53 4.73 0.87
C GLU A 101 -2.00 4.34 0.85
N GLY A 102 -2.73 4.81 -0.17
CA GLY A 102 -4.15 4.51 -0.28
C GLY A 102 -5.05 5.71 -0.14
N SER A 103 -4.53 6.91 0.10
CA SER A 103 -5.36 8.09 0.29
C SER A 103 -5.82 8.63 -1.06
N PHE A 104 -7.11 8.48 -1.35
CA PHE A 104 -7.67 8.88 -2.64
C PHE A 104 -8.15 10.33 -2.52
N ASP A 105 -7.30 11.28 -2.92
CA ASP A 105 -7.69 12.67 -2.84
C ASP A 105 -8.52 13.13 -4.03
N ILE A 106 -8.42 12.45 -5.17
CA ILE A 106 -9.19 12.82 -6.37
C ILE A 106 -10.05 11.62 -6.77
N TRP A 107 -11.33 11.88 -7.01
CA TRP A 107 -12.27 10.86 -7.45
C TRP A 107 -13.03 11.38 -8.67
N GLY A 108 -13.60 10.44 -9.42
CA GLY A 108 -14.50 10.77 -10.49
C GLY A 108 -15.94 10.63 -10.03
N GLN A 109 -16.85 11.12 -10.87
CA GLN A 109 -18.26 11.08 -10.47
C GLN A 109 -18.84 9.67 -10.49
N GLY A 110 -18.09 8.68 -10.98
CA GLY A 110 -18.55 7.31 -11.03
C GLY A 110 -19.30 6.98 -12.31
N THR A 111 -19.56 5.68 -12.48
CA THR A 111 -20.36 5.20 -13.59
C THR A 111 -21.09 3.95 -13.12
N MET A 112 -22.34 3.80 -13.56
CA MET A 112 -23.23 2.81 -12.97
C MET A 112 -23.23 1.52 -13.78
N VAL A 113 -22.89 0.41 -13.11
CA VAL A 113 -22.89 -0.92 -13.72
C VAL A 113 -24.02 -1.72 -13.09
N THR A 114 -24.90 -2.26 -13.93
CA THR A 114 -26.03 -3.05 -13.46
C THR A 114 -26.07 -4.37 -14.21
N VAL A 115 -26.08 -5.47 -13.47
CA VAL A 115 -26.09 -6.82 -14.04
C VAL A 115 -27.47 -7.41 -13.84
N SER A 116 -28.25 -7.49 -14.92
CA SER A 116 -29.63 -7.94 -14.83
C SER A 116 -29.71 -9.40 -14.38
N SER A 117 -30.91 -9.80 -13.94
CA SER A 117 -31.11 -11.16 -13.46
C SER A 117 -31.27 -12.15 -14.62
N SER B 3 -5.66 -14.20 8.73
CA SER B 3 -4.87 -13.40 9.67
C SER B 3 -4.77 -11.94 9.21
N ALA B 4 -5.69 -11.53 8.32
CA ALA B 4 -5.69 -10.17 7.83
C ALA B 4 -6.33 -9.22 8.85
N ILE B 5 -6.09 -7.93 8.65
CA ILE B 5 -6.61 -6.90 9.56
C ILE B 5 -7.97 -6.46 9.07
N GLN B 6 -8.90 -6.30 10.01
CA GLN B 6 -10.28 -5.89 9.74
C GLN B 6 -10.60 -4.60 10.47
N LEU B 7 -11.45 -3.79 9.85
CA LEU B 7 -11.89 -2.52 10.42
C LEU B 7 -13.35 -2.58 10.83
N THR B 8 -13.65 -2.04 12.00
CA THR B 8 -15.01 -1.88 12.47
C THR B 8 -15.27 -0.41 12.72
N GLN B 9 -16.50 0.02 12.52
CA GLN B 9 -16.84 1.43 12.59
C GLN B 9 -18.10 1.59 13.42
N SER B 10 -18.03 2.41 14.47
CA SER B 10 -19.12 2.56 15.42
C SER B 10 -19.35 4.01 15.79
N PRO B 11 -20.62 4.44 15.88
CA PRO B 11 -21.80 3.60 15.65
C PRO B 11 -22.08 3.41 14.17
N SER B 12 -22.94 2.44 13.84
CA SER B 12 -23.31 2.22 12.45
C SER B 12 -24.12 3.39 11.90
N PHE B 13 -25.07 3.89 12.69
CA PHE B 13 -25.98 4.97 12.33
C PHE B 13 -26.20 5.86 13.53
N LEU B 14 -26.25 7.17 13.32
CA LEU B 14 -26.53 8.11 14.38
C LEU B 14 -27.25 9.33 13.81
N SER B 15 -28.25 9.82 14.53
CA SER B 15 -28.96 11.03 14.15
C SER B 15 -28.74 12.10 15.20
N ALA B 16 -28.45 13.32 14.75
CA ALA B 16 -28.12 14.42 15.63
C ALA B 16 -28.79 15.68 15.11
N SER B 17 -28.40 16.83 15.68
CA SER B 17 -28.97 18.11 15.33
C SER B 17 -27.86 19.08 14.99
N ILE B 18 -28.24 20.20 14.36
CA ILE B 18 -27.28 21.23 13.99
C ILE B 18 -26.59 21.75 15.23
N GLY B 19 -25.26 21.90 15.15
CA GLY B 19 -24.46 22.35 16.28
C GLY B 19 -23.98 21.25 17.18
N ASP B 20 -24.44 20.01 16.96
CA ASP B 20 -24.03 18.91 17.80
C ASP B 20 -22.58 18.54 17.53
N ARG B 21 -21.89 18.15 18.59
CA ARG B 21 -20.55 17.59 18.46
C ARG B 21 -20.69 16.09 18.26
N VAL B 22 -20.25 15.62 17.09
CA VAL B 22 -20.37 14.23 16.69
C VAL B 22 -18.98 13.62 16.64
N THR B 23 -18.84 12.45 17.25
CA THR B 23 -17.60 11.68 17.19
C THR B 23 -17.92 10.28 16.67
N ILE B 24 -17.11 9.81 15.72
CA ILE B 24 -17.25 8.49 15.13
C ILE B 24 -15.97 7.70 15.40
N THR B 25 -16.12 6.43 15.73
CA THR B 25 -14.98 5.58 16.06
C THR B 25 -14.73 4.57 14.95
N CYS B 26 -13.45 4.35 14.66
CA CYS B 26 -12.98 3.28 13.80
C CYS B 26 -11.98 2.45 14.60
N ARG B 27 -12.16 1.13 14.60
CA ARG B 27 -11.28 0.21 15.31
C ARG B 27 -10.62 -0.76 14.36
N ALA B 28 -9.30 -0.89 14.50
CA ALA B 28 -8.51 -1.87 13.75
C ALA B 28 -8.24 -3.09 14.62
N SER B 29 -8.30 -4.27 14.00
CA SER B 29 -8.09 -5.51 14.73
C SER B 29 -6.65 -5.70 15.19
N GLN B 30 -5.72 -4.89 14.68
CA GLN B 30 -4.33 -4.93 15.12
C GLN B 30 -3.72 -3.55 14.95
N GLY B 31 -2.64 -3.31 15.69
CA GLY B 31 -1.98 -2.01 15.66
C GLY B 31 -1.54 -1.60 14.27
N ILE B 32 -1.98 -0.43 13.80
CA ILE B 32 -1.63 0.03 12.47
C ILE B 32 -1.07 1.45 12.53
N SER B 33 -0.56 1.85 13.70
CA SER B 33 0.09 3.15 13.89
C SER B 33 -0.89 4.24 13.44
N SER B 34 -0.50 5.15 12.54
CA SER B 34 -1.37 6.24 12.11
C SER B 34 -1.83 6.06 10.66
N TYR B 35 -1.86 4.82 10.17
CA TYR B 35 -2.20 4.52 8.78
C TYR B 35 -3.71 4.48 8.62
N LEU B 36 -4.32 5.65 8.48
CA LEU B 36 -5.77 5.69 8.37
C LEU B 36 -6.21 6.94 7.62
N ALA B 37 -7.36 6.85 6.96
CA ALA B 37 -7.96 7.97 6.27
C ALA B 37 -9.46 7.98 6.52
N TRP B 38 -10.05 9.17 6.52
CA TRP B 38 -11.49 9.34 6.69
C TRP B 38 -12.08 9.98 5.45
N TYR B 39 -13.25 9.49 5.05
CA TYR B 39 -13.93 9.98 3.86
C TYR B 39 -15.38 10.30 4.20
N GLN B 40 -15.91 11.33 3.54
CA GLN B 40 -17.32 11.68 3.60
C GLN B 40 -17.97 11.38 2.25
N GLN B 41 -19.09 10.67 2.27
CA GLN B 41 -19.84 10.36 1.05
C GLN B 41 -21.29 10.77 1.21
N LYS B 42 -21.68 11.86 0.57
CA LYS B 42 -23.09 12.17 0.49
C LYS B 42 -23.76 11.27 -0.57
N PRO B 43 -25.04 10.97 -0.40
CA PRO B 43 -25.68 9.98 -1.28
C PRO B 43 -25.69 10.44 -2.74
N GLY B 44 -25.35 9.52 -3.64
CA GLY B 44 -25.26 9.85 -5.05
C GLY B 44 -24.06 10.68 -5.43
N LYS B 45 -23.02 10.69 -4.60
CA LYS B 45 -21.83 11.48 -4.89
C LYS B 45 -20.60 10.66 -4.58
N ALA B 46 -19.49 11.10 -5.12
CA ALA B 46 -18.26 10.37 -4.89
C ALA B 46 -17.70 10.72 -3.52
N PRO B 47 -17.07 9.77 -2.84
CA PRO B 47 -16.41 10.07 -1.56
C PRO B 47 -15.46 11.24 -1.68
N LYS B 48 -15.28 11.94 -0.57
CA LYS B 48 -14.38 13.08 -0.48
C LYS B 48 -13.41 12.81 0.66
N LEU B 49 -12.12 12.98 0.39
CA LEU B 49 -11.12 12.76 1.42
C LEU B 49 -11.17 13.86 2.46
N LEU B 50 -11.35 13.49 3.73
CA LEU B 50 -11.36 14.45 4.83
C LEU B 50 -10.05 14.46 5.60
N ILE B 51 -9.62 13.29 6.08
CA ILE B 51 -8.43 13.14 6.91
C ILE B 51 -7.62 12.00 6.35
N TYR B 52 -6.30 12.14 6.39
CA TYR B 52 -5.39 11.05 6.08
C TYR B 52 -4.27 11.05 7.11
N ALA B 53 -3.62 9.89 7.26
CA ALA B 53 -2.60 9.68 8.30
C ALA B 53 -3.18 9.97 9.67
N ALA B 54 -4.41 9.51 9.88
CA ALA B 54 -5.13 9.55 11.16
C ALA B 54 -5.55 10.96 11.55
N SER B 55 -4.71 11.97 11.35
CA SER B 55 -5.00 13.29 11.89
C SER B 55 -4.62 14.45 10.99
N THR B 56 -4.27 14.21 9.73
CA THR B 56 -3.90 15.30 8.84
C THR B 56 -5.12 15.73 8.04
N LEU B 57 -5.55 16.98 8.24
CA LEU B 57 -6.74 17.49 7.57
C LEU B 57 -6.45 17.74 6.10
N GLN B 58 -7.33 17.26 5.23
CA GLN B 58 -7.19 17.53 3.81
C GLN B 58 -7.45 19.00 3.52
N SER B 59 -6.73 19.54 2.54
CA SER B 59 -6.92 20.94 2.17
C SER B 59 -8.35 21.16 1.65
N GLY B 60 -8.90 22.34 1.96
CA GLY B 60 -10.27 22.65 1.63
C GLY B 60 -11.31 22.08 2.56
N VAL B 61 -10.97 21.09 3.37
CA VAL B 61 -11.92 20.50 4.32
C VAL B 61 -12.11 21.46 5.49
N PRO B 62 -13.35 21.74 5.90
CA PRO B 62 -13.57 22.69 7.01
C PRO B 62 -12.89 22.23 8.29
N SER B 63 -12.43 23.22 9.06
CA SER B 63 -11.64 22.94 10.25
C SER B 63 -12.44 22.25 11.35
N ARG B 64 -13.77 22.25 11.26
CA ARG B 64 -14.55 21.56 12.29
C ARG B 64 -14.34 20.04 12.25
N PHE B 65 -13.93 19.50 11.11
CA PHE B 65 -13.55 18.09 11.04
C PHE B 65 -12.14 17.89 11.57
N SER B 66 -11.96 16.82 12.34
CA SER B 66 -10.65 16.51 12.89
C SER B 66 -10.59 15.02 13.17
N GLY B 67 -9.38 14.47 13.10
CA GLY B 67 -9.17 13.07 13.40
C GLY B 67 -8.12 12.91 14.49
N SER B 68 -8.12 11.74 15.11
CA SER B 68 -7.14 11.48 16.16
C SER B 68 -7.09 9.98 16.40
N GLY B 69 -6.10 9.59 17.20
CA GLY B 69 -5.90 8.20 17.51
C GLY B 69 -4.69 7.62 16.80
N SER B 70 -4.18 6.54 17.37
CA SER B 70 -2.98 5.89 16.85
C SER B 70 -2.97 4.47 17.38
N GLY B 71 -2.80 3.51 16.50
CA GLY B 71 -2.75 2.12 16.91
C GLY B 71 -4.00 1.36 16.51
N THR B 72 -4.98 1.32 17.41
CA THR B 72 -6.21 0.58 17.19
C THR B 72 -7.47 1.42 17.31
N GLU B 73 -7.42 2.54 18.03
CA GLU B 73 -8.59 3.39 18.24
C GLU B 73 -8.39 4.68 17.46
N PHE B 74 -9.34 4.98 16.58
CA PHE B 74 -9.33 6.22 15.82
C PHE B 74 -10.70 6.87 15.92
N THR B 75 -10.72 8.18 16.08
CA THR B 75 -11.97 8.92 16.13
C THR B 75 -11.98 10.02 15.08
N LEU B 76 -13.13 10.18 14.44
CA LEU B 76 -13.44 11.35 13.64
C LEU B 76 -14.37 12.25 14.46
N THR B 77 -14.13 13.57 14.42
CA THR B 77 -14.86 14.51 15.25
C THR B 77 -15.34 15.70 14.44
N ILE B 78 -16.65 15.93 14.43
CA ILE B 78 -17.23 17.14 13.89
C ILE B 78 -17.62 18.02 15.08
N SER B 79 -16.87 19.09 15.29
CA SER B 79 -17.07 19.89 16.51
C SER B 79 -18.45 20.53 16.55
N SER B 80 -18.98 20.94 15.41
CA SER B 80 -20.30 21.59 15.35
C SER B 80 -20.99 21.15 14.07
N LEU B 81 -21.93 20.21 14.20
CA LEU B 81 -22.57 19.65 13.03
C LEU B 81 -23.26 20.73 12.21
N GLN B 82 -23.11 20.67 10.91
CA GLN B 82 -23.75 21.62 10.02
C GLN B 82 -24.83 20.91 9.20
N PRO B 83 -25.76 21.65 8.62
CA PRO B 83 -26.78 21.01 7.78
C PRO B 83 -26.19 20.21 6.65
N GLU B 84 -25.16 20.71 5.96
CA GLU B 84 -24.59 19.95 4.84
C GLU B 84 -23.75 18.75 5.28
N ASP B 85 -23.62 18.48 6.57
CA ASP B 85 -22.73 17.43 7.06
C ASP B 85 -23.37 16.05 7.06
N PHE B 86 -24.64 15.91 6.70
CA PHE B 86 -25.27 14.60 6.66
C PHE B 86 -24.67 13.76 5.54
N ALA B 87 -24.19 12.58 5.88
CA ALA B 87 -23.53 11.70 4.94
C ALA B 87 -23.14 10.44 5.69
N SER B 88 -22.69 9.46 4.93
CA SER B 88 -21.95 8.34 5.47
C SER B 88 -20.48 8.72 5.59
N TYR B 89 -19.78 8.08 6.52
CA TYR B 89 -18.38 8.37 6.79
C TYR B 89 -17.63 7.05 6.85
N TYR B 90 -16.55 6.94 6.08
CA TYR B 90 -15.75 5.72 6.00
C TYR B 90 -14.34 5.99 6.49
N CYS B 91 -13.82 5.08 7.30
CA CYS B 91 -12.39 5.02 7.54
C CYS B 91 -11.76 4.02 6.57
N GLN B 92 -10.43 4.10 6.45
CA GLN B 92 -9.73 3.24 5.51
C GLN B 92 -8.35 2.92 6.04
N GLN B 93 -7.99 1.64 5.99
CA GLN B 93 -6.66 1.22 6.41
C GLN B 93 -5.65 1.56 5.32
N LEU B 94 -4.70 2.43 5.64
CA LEU B 94 -3.69 2.83 4.69
C LEU B 94 -2.50 1.88 4.74
N ASN B 95 -1.76 1.83 3.62
CA ASN B 95 -0.60 0.94 3.49
C ASN B 95 -0.98 -0.48 3.87
N SER B 96 -2.15 -0.91 3.44
CA SER B 96 -2.70 -2.19 3.88
C SER B 96 -2.37 -3.27 2.87
N TYR B 97 -2.05 -4.45 3.38
CA TYR B 97 -1.73 -5.61 2.58
C TYR B 97 -2.72 -6.73 2.85
N PRO B 98 -3.12 -7.49 1.81
CA PRO B 98 -2.65 -7.34 0.42
C PRO B 98 -3.39 -6.25 -0.36
N ALA B 99 -4.57 -5.88 0.12
CA ALA B 99 -5.46 -4.96 -0.56
C ALA B 99 -5.99 -3.92 0.43
N PRO B 100 -6.34 -2.72 -0.06
CA PRO B 100 -6.89 -1.70 0.83
C PRO B 100 -8.21 -2.14 1.46
N VAL B 101 -8.38 -1.81 2.73
CA VAL B 101 -9.58 -2.16 3.49
C VAL B 101 -10.33 -0.89 3.86
N PHE B 102 -11.65 -0.93 3.70
CA PHE B 102 -12.52 0.17 4.07
C PHE B 102 -13.36 -0.20 5.29
N GLY B 103 -13.60 0.79 6.14
CA GLY B 103 -14.55 0.63 7.22
C GLY B 103 -15.93 0.37 6.68
N PRO B 104 -16.82 -0.19 7.53
CA PRO B 104 -18.18 -0.48 7.05
C PRO B 104 -19.05 0.76 6.87
N GLY B 105 -18.61 1.90 7.38
CA GLY B 105 -19.33 3.16 7.21
C GLY B 105 -20.17 3.53 8.43
N THR B 106 -20.35 4.84 8.62
CA THR B 106 -21.18 5.38 9.68
C THR B 106 -22.11 6.43 9.06
N LYS B 107 -23.40 6.11 9.01
CA LYS B 107 -24.37 7.05 8.46
C LYS B 107 -24.79 8.06 9.51
N VAL B 108 -24.91 9.32 9.11
CA VAL B 108 -25.27 10.40 10.00
C VAL B 108 -26.49 11.11 9.43
N ASP B 109 -27.59 11.08 10.18
CA ASP B 109 -28.82 11.80 9.88
C ASP B 109 -28.95 13.00 10.79
N ILE B 110 -29.95 13.82 10.51
CA ILE B 110 -30.13 15.09 11.20
C ILE B 110 -31.62 15.28 11.47
N LYS B 111 -32.01 15.34 12.75
CA LYS B 111 -33.38 15.57 13.19
C LYS B 111 -33.41 16.76 14.16
N ALA B 112 -34.64 17.15 14.52
CA ALA B 112 -34.86 18.31 15.42
C ALA B 112 -34.26 18.09 16.81
N ASN C 11 40.57 -18.41 7.87
CA ASN C 11 39.75 -17.33 8.42
C ASN C 11 38.26 -17.58 8.17
N LEU C 12 37.41 -16.97 9.00
CA LEU C 12 35.97 -17.16 8.92
C LEU C 12 35.31 -15.96 8.23
N CYS C 13 34.19 -16.24 7.55
CA CYS C 13 33.45 -15.17 6.89
C CYS C 13 32.78 -14.30 7.94
N PRO C 14 32.69 -12.97 7.70
CA PRO C 14 32.16 -12.04 8.71
C PRO C 14 30.63 -12.02 8.80
N PHE C 15 30.03 -13.19 8.96
CA PHE C 15 28.58 -13.27 9.05
C PHE C 15 28.05 -12.59 10.31
N GLY C 16 28.83 -12.57 11.38
CA GLY C 16 28.41 -11.85 12.58
C GLY C 16 28.22 -10.38 12.31
N GLU C 17 29.07 -9.79 11.48
CA GLU C 17 28.91 -8.38 11.12
C GLU C 17 27.65 -8.14 10.31
N VAL C 18 27.14 -9.16 9.63
CA VAL C 18 25.95 -8.97 8.80
C VAL C 18 24.70 -9.11 9.63
N PHE C 19 24.51 -10.26 10.28
CA PHE C 19 23.28 -10.53 11.01
C PHE C 19 23.24 -9.79 12.34
N ASN C 20 24.34 -9.83 13.08
CA ASN C 20 24.41 -9.26 14.41
C ASN C 20 24.77 -7.78 14.41
N ALA C 21 24.65 -7.10 13.27
CA ALA C 21 24.99 -5.68 13.21
C ALA C 21 24.05 -4.85 14.07
N THR C 22 24.57 -3.75 14.62
CA THR C 22 23.77 -2.92 15.52
C THR C 22 22.57 -2.35 14.79
N ARG C 23 22.77 -1.80 13.60
CA ARG C 23 21.68 -1.21 12.84
C ARG C 23 21.78 -1.60 11.38
N PHE C 24 20.63 -1.80 10.76
CA PHE C 24 20.53 -2.13 9.34
C PHE C 24 20.22 -0.88 8.53
N ALA C 25 20.26 -1.04 7.21
CA ALA C 25 19.99 0.07 6.32
C ALA C 25 18.49 0.15 5.98
N SER C 26 18.09 1.29 5.44
CA SER C 26 16.76 1.40 4.87
C SER C 26 16.70 0.62 3.56
N VAL C 27 15.52 0.06 3.28
CA VAL C 27 15.41 -0.84 2.15
C VAL C 27 15.72 -0.12 0.84
N TYR C 28 15.39 1.17 0.74
CA TYR C 28 15.70 1.87 -0.50
C TYR C 28 17.20 2.07 -0.67
N ALA C 29 17.94 2.15 0.44
CA ALA C 29 19.39 2.25 0.38
C ALA C 29 19.99 0.98 0.95
N TRP C 30 19.52 -0.17 0.46
CA TRP C 30 19.93 -1.46 1.00
C TRP C 30 21.44 -1.62 0.95
N ASN C 31 22.00 -2.19 2.01
CA ASN C 31 23.44 -2.36 2.12
C ASN C 31 23.88 -3.66 1.50
N ARG C 32 24.93 -3.59 0.69
CA ARG C 32 25.56 -4.76 0.10
C ARG C 32 26.98 -4.90 0.63
N LYS C 33 27.35 -6.11 1.02
CA LYS C 33 28.71 -6.41 1.46
C LYS C 33 29.17 -7.69 0.77
N ARG C 34 30.28 -7.60 0.04
CA ARG C 34 30.83 -8.78 -0.60
C ARG C 34 31.55 -9.65 0.42
N ILE C 35 31.60 -10.95 0.15
CA ILE C 35 32.21 -11.91 1.06
C ILE C 35 32.99 -12.92 0.22
N SER C 36 34.29 -13.01 0.48
CA SER C 36 35.15 -13.91 -0.29
C SER C 36 36.37 -14.22 0.55
N ASN C 37 37.14 -15.21 0.09
CA ASN C 37 38.37 -15.62 0.74
C ASN C 37 38.12 -15.93 2.22
N CYS C 38 37.16 -16.81 2.48
CA CYS C 38 36.84 -17.18 3.84
C CYS C 38 36.03 -18.47 3.85
N VAL C 39 36.30 -19.30 4.84
CA VAL C 39 35.51 -20.50 5.09
C VAL C 39 34.25 -20.10 5.83
N ALA C 40 33.10 -20.59 5.38
CA ALA C 40 31.81 -20.20 5.92
C ALA C 40 31.06 -21.42 6.44
N ASP C 41 30.44 -21.27 7.60
CA ASP C 41 29.61 -22.29 8.21
C ASP C 41 28.14 -21.92 7.98
N TYR C 42 27.48 -22.69 7.12
CA TYR C 42 26.09 -22.41 6.77
C TYR C 42 25.09 -23.23 7.57
N SER C 43 25.43 -24.46 7.94
CA SER C 43 24.49 -25.32 8.66
C SER C 43 24.04 -24.68 9.97
N VAL C 44 24.93 -23.94 10.63
CA VAL C 44 24.55 -23.25 11.86
C VAL C 44 23.45 -22.22 11.59
N LEU C 45 23.50 -21.57 10.44
CA LEU C 45 22.50 -20.56 10.13
C LEU C 45 21.14 -21.19 9.92
N TYR C 46 21.07 -22.29 9.17
CA TYR C 46 19.77 -22.90 8.89
C TYR C 46 19.17 -23.52 10.14
N ASN C 47 20.00 -24.15 10.98
CA ASN C 47 19.49 -24.79 12.19
C ASN C 47 19.12 -23.78 13.28
N SER C 48 19.51 -22.51 13.12
CA SER C 48 19.19 -21.49 14.12
C SER C 48 17.69 -21.21 14.11
N ALA C 49 17.04 -21.41 15.24
CA ALA C 49 15.61 -21.15 15.36
C ALA C 49 15.29 -19.67 15.45
N SER C 50 16.30 -18.80 15.43
CA SER C 50 16.10 -17.36 15.53
C SER C 50 15.77 -16.71 14.19
N PHE C 51 15.24 -17.46 13.21
CA PHE C 51 14.95 -16.92 11.89
C PHE C 51 13.50 -17.25 11.53
N SER C 52 12.68 -16.20 11.42
CA SER C 52 11.28 -16.39 11.05
C SER C 52 11.15 -16.89 9.61
N THR C 53 12.09 -16.51 8.76
CA THR C 53 12.03 -16.85 7.34
C THR C 53 13.43 -17.23 6.88
N PHE C 54 13.55 -18.42 6.29
CA PHE C 54 14.83 -18.88 5.73
C PHE C 54 14.48 -19.70 4.49
N LYS C 55 14.39 -19.01 3.35
CA LYS C 55 13.93 -19.61 2.11
C LYS C 55 15.03 -19.48 1.06
N CYS C 56 15.48 -20.62 0.53
CA CYS C 56 16.53 -20.67 -0.47
C CYS C 56 15.96 -20.99 -1.84
N TYR C 57 16.56 -20.39 -2.87
CA TYR C 57 16.09 -20.52 -4.25
C TYR C 57 17.24 -21.00 -5.12
N GLY C 58 17.07 -22.15 -5.75
CA GLY C 58 18.11 -22.73 -6.57
C GLY C 58 19.15 -23.53 -5.83
N VAL C 59 18.95 -23.82 -4.55
CA VAL C 59 19.92 -24.59 -3.78
C VAL C 59 19.24 -25.14 -2.54
N SER C 60 19.66 -26.35 -2.14
CA SER C 60 19.20 -26.91 -0.88
C SER C 60 19.92 -26.22 0.28
N PRO C 61 19.21 -25.79 1.32
CA PRO C 61 19.88 -25.08 2.41
C PRO C 61 20.84 -25.96 3.19
N THR C 62 20.46 -27.20 3.46
CA THR C 62 21.35 -28.12 4.17
C THR C 62 22.60 -28.42 3.35
N LYS C 63 22.41 -28.80 2.09
CA LYS C 63 23.53 -29.07 1.20
C LYS C 63 24.10 -27.74 0.68
N LEU C 64 24.79 -27.05 1.57
CA LEU C 64 25.39 -25.75 1.27
C LEU C 64 26.86 -25.66 1.68
N ASN C 65 27.24 -26.27 2.81
CA ASN C 65 28.64 -26.23 3.23
C ASN C 65 29.56 -26.87 2.20
N ASP C 66 29.07 -27.90 1.51
CA ASP C 66 29.82 -28.57 0.46
C ASP C 66 29.60 -27.94 -0.91
N LEU C 67 29.63 -26.60 -0.98
CA LEU C 67 29.44 -25.88 -2.23
C LEU C 67 30.38 -24.67 -2.27
N CYS C 68 31.16 -24.55 -3.34
CA CYS C 68 32.08 -23.44 -3.54
C CYS C 68 31.51 -22.47 -4.56
N PHE C 69 31.64 -21.18 -4.27
CA PHE C 69 31.19 -20.12 -5.17
C PHE C 69 32.24 -19.02 -5.16
N THR C 70 32.36 -18.32 -6.29
CA THR C 70 33.38 -17.28 -6.41
C THR C 70 33.13 -16.16 -5.41
N ASN C 71 32.05 -15.41 -5.62
CA ASN C 71 31.69 -14.29 -4.74
C ASN C 71 30.33 -14.54 -4.12
N VAL C 72 30.19 -14.12 -2.87
CA VAL C 72 28.94 -14.22 -2.13
C VAL C 72 28.60 -12.82 -1.63
N TYR C 73 27.50 -12.26 -2.13
CA TYR C 73 27.06 -10.92 -1.76
C TYR C 73 25.94 -11.03 -0.73
N ALA C 74 26.07 -10.29 0.37
CA ALA C 74 25.07 -10.27 1.43
C ALA C 74 24.41 -8.89 1.48
N ASP C 75 23.12 -8.85 1.20
CA ASP C 75 22.34 -7.62 1.21
C ASP C 75 21.44 -7.60 2.44
N SER C 76 21.48 -6.51 3.20
CA SER C 76 20.69 -6.40 4.42
C SER C 76 19.94 -5.07 4.43
N PHE C 77 18.73 -5.10 4.99
CA PHE C 77 17.86 -3.93 5.09
C PHE C 77 16.74 -4.27 6.06
N VAL C 78 15.76 -3.37 6.17
CA VAL C 78 14.63 -3.52 7.08
C VAL C 78 13.35 -3.17 6.33
N ILE C 79 12.31 -4.01 6.49
CA ILE C 79 11.00 -3.79 5.89
C ILE C 79 9.93 -4.27 6.88
N ARG C 80 8.67 -4.14 6.48
CA ARG C 80 7.56 -4.66 7.28
C ARG C 80 7.51 -6.18 7.20
N GLY C 81 6.82 -6.79 8.17
CA GLY C 81 6.56 -8.21 8.09
C GLY C 81 5.81 -8.61 6.83
N ASP C 82 4.76 -7.85 6.50
CA ASP C 82 3.95 -8.16 5.34
C ASP C 82 4.69 -8.00 4.02
N GLU C 83 5.80 -7.27 4.01
CA GLU C 83 6.54 -7.03 2.78
C GLU C 83 7.63 -8.06 2.52
N VAL C 84 7.89 -8.96 3.48
CA VAL C 84 8.94 -9.96 3.31
C VAL C 84 8.65 -10.87 2.12
N ARG C 85 7.37 -11.13 1.86
CA ARG C 85 7.04 -11.98 0.71
C ARG C 85 7.43 -11.34 -0.61
N GLN C 86 7.74 -10.04 -0.64
CA GLN C 86 8.18 -9.42 -1.87
C GLN C 86 9.67 -9.61 -2.14
N ILE C 87 10.43 -10.05 -1.15
CA ILE C 87 11.86 -10.32 -1.34
C ILE C 87 11.99 -11.74 -1.85
N ALA C 88 11.59 -11.96 -3.10
CA ALA C 88 11.61 -13.29 -3.71
C ALA C 88 11.62 -13.12 -5.22
N PRO C 89 12.08 -14.13 -5.96
CA PRO C 89 12.11 -14.01 -7.42
C PRO C 89 10.71 -13.86 -7.99
N GLY C 90 10.58 -13.00 -9.01
CA GLY C 90 9.32 -12.79 -9.69
C GLY C 90 8.18 -12.30 -8.83
N GLN C 91 8.43 -11.29 -7.99
CA GLN C 91 7.40 -10.69 -7.16
C GLN C 91 7.21 -9.22 -7.53
N THR C 92 6.01 -8.70 -7.27
CA THR C 92 5.70 -7.30 -7.53
C THR C 92 5.15 -6.65 -6.27
N GLY C 93 5.27 -5.32 -6.22
CA GLY C 93 4.83 -4.56 -5.07
C GLY C 93 5.71 -3.35 -4.82
N LYS C 94 5.39 -2.54 -3.80
CA LYS C 94 6.18 -1.35 -3.51
C LYS C 94 7.66 -1.68 -3.38
N ILE C 95 7.98 -2.67 -2.55
CA ILE C 95 9.37 -2.98 -2.28
C ILE C 95 10.05 -3.55 -3.52
N ALA C 96 9.49 -4.64 -4.07
CA ALA C 96 10.10 -5.29 -5.22
C ALA C 96 10.22 -4.35 -6.41
N ASP C 97 9.26 -3.44 -6.58
CA ASP C 97 9.30 -2.59 -7.77
C ASP C 97 10.24 -1.41 -7.59
N TYR C 98 10.24 -0.81 -6.41
CA TYR C 98 10.87 0.49 -6.23
C TYR C 98 11.98 0.51 -5.19
N ASN C 99 12.29 -0.61 -4.55
CA ASN C 99 13.26 -0.59 -3.47
C ASN C 99 14.35 -1.64 -3.62
N TYR C 100 13.97 -2.90 -3.82
CA TYR C 100 14.92 -4.01 -3.93
C TYR C 100 14.30 -5.10 -4.79
N LYS C 101 14.92 -5.38 -5.93
CA LYS C 101 14.38 -6.33 -6.89
C LYS C 101 15.28 -7.55 -7.00
N LEU C 102 14.66 -8.73 -6.97
CA LEU C 102 15.42 -9.96 -7.19
C LEU C 102 15.13 -10.51 -8.59
N PRO C 103 16.17 -10.96 -9.29
CA PRO C 103 15.98 -11.45 -10.66
C PRO C 103 15.22 -12.76 -10.68
N ASP C 104 14.53 -13.00 -11.79
CA ASP C 104 13.76 -14.24 -11.92
C ASP C 104 14.67 -15.45 -11.72
N ASP C 105 15.89 -15.40 -12.29
CA ASP C 105 16.87 -16.46 -12.15
C ASP C 105 17.71 -16.34 -10.88
N PHE C 106 17.18 -15.73 -9.82
CA PHE C 106 17.96 -15.56 -8.60
C PHE C 106 18.38 -16.91 -8.04
N THR C 107 19.62 -16.98 -7.58
CA THR C 107 20.18 -18.19 -6.98
C THR C 107 20.76 -17.79 -5.63
N GLY C 108 20.05 -18.12 -4.56
CA GLY C 108 20.51 -17.78 -3.22
C GLY C 108 19.41 -17.98 -2.20
N CYS C 109 19.59 -17.33 -1.04
CA CYS C 109 18.70 -17.52 0.09
C CYS C 109 18.26 -16.17 0.66
N VAL C 110 17.06 -16.16 1.22
CA VAL C 110 16.47 -14.99 1.86
C VAL C 110 16.22 -15.33 3.32
N ILE C 111 16.74 -14.50 4.21
CA ILE C 111 16.66 -14.73 5.65
C ILE C 111 16.00 -13.52 6.30
N ALA C 112 15.07 -13.75 7.20
CA ALA C 112 14.37 -12.66 7.86
C ALA C 112 14.01 -13.06 9.29
N TRP C 113 13.96 -12.05 10.16
CA TRP C 113 13.55 -12.26 11.54
C TRP C 113 12.95 -10.98 12.09
N ASN C 114 12.00 -11.14 13.01
CA ASN C 114 11.32 -10.01 13.63
C ASN C 114 12.27 -9.22 14.50
N SER C 115 12.28 -7.91 14.32
CA SER C 115 13.17 -7.01 15.06
C SER C 115 12.37 -5.89 15.70
N ASN C 116 11.17 -6.22 16.20
CA ASN C 116 10.34 -5.20 16.84
C ASN C 116 11.02 -4.66 18.09
N ASN C 117 11.71 -5.54 18.83
CA ASN C 117 12.39 -5.13 20.06
C ASN C 117 13.57 -4.21 19.80
N LEU C 118 14.05 -4.10 18.57
CA LEU C 118 15.21 -3.26 18.24
C LEU C 118 14.85 -2.04 17.42
N ASP C 119 13.95 -2.18 16.45
CA ASP C 119 13.73 -1.15 15.44
C ASP C 119 12.40 -0.43 15.60
N SER C 120 11.80 -0.50 16.77
CA SER C 120 10.56 0.23 17.04
C SER C 120 10.76 1.08 18.29
N LYS C 121 10.36 2.35 18.20
CA LYS C 121 10.41 3.27 19.32
C LYS C 121 9.00 3.60 19.77
N VAL C 122 8.89 4.10 21.01
CA VAL C 122 7.59 4.25 21.64
C VAL C 122 6.71 5.23 20.86
N GLY C 123 7.26 6.38 20.49
CA GLY C 123 6.51 7.34 19.69
C GLY C 123 6.65 7.09 18.20
N GLY C 124 6.96 5.85 17.84
CA GLY C 124 7.26 5.50 16.47
C GLY C 124 8.73 5.69 16.14
N ASN C 125 9.24 4.83 15.26
CA ASN C 125 10.62 4.88 14.80
C ASN C 125 10.63 5.34 13.35
N TYR C 126 10.93 6.61 13.14
CA TYR C 126 10.95 7.21 11.80
C TYR C 126 12.33 7.17 11.17
N ASN C 127 13.17 6.23 11.60
CA ASN C 127 14.52 6.10 11.09
C ASN C 127 14.56 5.31 9.79
N TYR C 128 13.73 4.27 9.67
CA TYR C 128 13.73 3.41 8.50
C TYR C 128 12.75 3.92 7.45
N LEU C 129 13.22 4.06 6.21
CA LEU C 129 12.43 4.61 5.12
C LEU C 129 12.26 3.57 4.01
N TYR C 130 11.37 3.90 3.08
CA TYR C 130 11.15 3.14 1.86
C TYR C 130 10.69 4.12 0.77
N ARG C 131 10.93 3.75 -0.47
CA ARG C 131 10.53 4.57 -1.61
C ARG C 131 9.08 4.28 -1.95
N LEU C 132 8.24 5.33 -1.97
CA LEU C 132 6.83 5.18 -2.31
C LEU C 132 6.53 5.50 -3.76
N PHE C 133 7.27 6.42 -4.37
CA PHE C 133 7.03 6.84 -5.74
C PHE C 133 8.27 6.62 -6.61
N ARG C 134 8.05 6.05 -7.78
CA ARG C 134 9.11 5.92 -8.78
C ARG C 134 8.46 5.66 -10.12
N LYS C 135 9.00 6.26 -11.17
CA LYS C 135 8.33 6.21 -12.47
C LYS C 135 8.33 4.80 -13.04
N SER C 136 9.41 4.05 -12.86
CA SER C 136 9.52 2.72 -13.43
C SER C 136 10.21 1.79 -12.44
N ASN C 137 10.05 0.49 -12.68
CA ASN C 137 10.54 -0.53 -11.74
C ASN C 137 12.06 -0.57 -11.71
N LEU C 138 12.58 -1.11 -10.61
CA LEU C 138 14.02 -1.34 -10.50
C LEU C 138 14.41 -2.59 -11.28
N LYS C 139 15.54 -2.51 -11.98
CA LYS C 139 16.14 -3.72 -12.51
C LYS C 139 16.66 -4.57 -11.36
N PRO C 140 16.82 -5.88 -11.57
CA PRO C 140 17.32 -6.74 -10.48
C PRO C 140 18.62 -6.20 -9.89
N PHE C 141 18.63 -6.08 -8.56
CA PHE C 141 19.76 -5.56 -7.79
C PHE C 141 20.09 -4.12 -8.11
N GLU C 142 19.21 -3.41 -8.80
CA GLU C 142 19.36 -1.96 -8.92
C GLU C 142 19.10 -1.32 -7.57
N ARG C 143 19.64 -0.11 -7.38
CA ARG C 143 19.56 0.60 -6.11
C ARG C 143 19.41 2.08 -6.40
N ASP C 144 18.27 2.66 -6.01
CA ASP C 144 17.99 4.07 -6.23
C ASP C 144 17.93 4.77 -4.87
N ILE C 145 18.72 5.85 -4.73
CA ILE C 145 18.74 6.62 -3.49
C ILE C 145 18.53 8.10 -3.80
N SER C 146 17.93 8.41 -4.94
CA SER C 146 17.63 9.80 -5.24
C SER C 146 16.48 10.30 -4.36
N THR C 147 16.44 11.62 -4.15
CA THR C 147 15.40 12.25 -3.35
C THR C 147 14.75 13.41 -4.09
N GLU C 148 14.62 13.29 -5.40
CA GLU C 148 14.03 14.36 -6.19
C GLU C 148 12.52 14.29 -6.13
N ILE C 149 11.88 15.45 -6.02
CA ILE C 149 10.43 15.50 -5.89
C ILE C 149 9.80 14.77 -7.06
N TYR C 150 8.93 13.81 -6.75
CA TYR C 150 8.25 13.04 -7.79
C TYR C 150 7.15 13.87 -8.41
N GLN C 151 7.19 14.03 -9.73
CA GLN C 151 6.20 14.82 -10.44
C GLN C 151 5.07 13.92 -10.91
N ALA C 152 3.87 14.12 -10.39
CA ALA C 152 2.72 13.31 -10.75
C ALA C 152 1.83 13.94 -11.81
N GLY C 153 2.05 15.21 -12.16
CA GLY C 153 1.26 15.85 -13.19
C GLY C 153 2.06 16.42 -14.34
N SER C 154 1.46 17.33 -15.10
CA SER C 154 2.18 17.97 -16.21
C SER C 154 3.09 19.09 -15.71
N THR C 155 2.62 19.90 -14.77
CA THR C 155 3.42 21.05 -14.32
C THR C 155 4.61 20.57 -13.52
N PRO C 156 5.81 21.09 -13.77
CA PRO C 156 6.99 20.67 -13.01
C PRO C 156 6.97 21.22 -11.58
N CYS C 157 7.74 20.56 -10.72
CA CYS C 157 7.71 20.89 -9.30
C CYS C 157 8.73 21.95 -8.91
N ASN C 158 9.88 22.00 -9.57
CA ASN C 158 10.92 22.99 -9.29
C ASN C 158 11.37 22.94 -7.83
N GLY C 159 11.37 21.75 -7.24
CA GLY C 159 11.83 21.57 -5.88
C GLY C 159 10.84 21.95 -4.79
N VAL C 160 9.60 22.28 -5.15
CA VAL C 160 8.59 22.69 -4.18
C VAL C 160 7.58 21.56 -4.06
N GLU C 161 7.51 20.95 -2.89
CA GLU C 161 6.53 19.90 -2.66
C GLU C 161 5.12 20.49 -2.64
N GLY C 162 4.15 19.64 -2.95
CA GLY C 162 2.76 20.08 -2.92
C GLY C 162 1.89 19.11 -3.68
N PHE C 163 0.79 19.64 -4.22
CA PHE C 163 -0.09 18.84 -5.05
C PHE C 163 0.68 18.35 -6.27
N ASN C 164 0.54 17.06 -6.58
CA ASN C 164 1.22 16.38 -7.67
C ASN C 164 2.74 16.45 -7.54
N CYS C 165 3.24 16.88 -6.38
CA CYS C 165 4.67 17.10 -6.16
C CYS C 165 5.02 16.45 -4.83
N TYR C 166 5.37 15.18 -4.88
CA TYR C 166 5.48 14.33 -3.72
C TYR C 166 6.94 13.96 -3.47
N PHE C 167 7.36 14.07 -2.21
CA PHE C 167 8.65 13.52 -1.82
C PHE C 167 8.61 12.01 -1.96
N PRO C 168 9.62 11.38 -2.56
CA PRO C 168 9.48 9.96 -2.94
C PRO C 168 9.62 8.99 -1.78
N LEU C 169 10.27 9.36 -0.69
CA LEU C 169 10.53 8.46 0.42
C LEU C 169 9.53 8.69 1.55
N GLN C 170 9.10 7.60 2.18
CA GLN C 170 8.19 7.66 3.31
C GLN C 170 8.73 6.80 4.44
N SER C 171 8.38 7.17 5.66
CA SER C 171 8.88 6.44 6.82
C SER C 171 7.91 5.36 7.26
N TYR C 172 8.45 4.38 7.98
CA TYR C 172 7.61 3.29 8.49
C TYR C 172 6.92 3.66 9.80
N GLY C 173 7.62 4.38 10.68
CA GLY C 173 7.07 4.70 11.97
C GLY C 173 6.73 3.46 12.75
N PHE C 174 7.75 2.70 13.12
CA PHE C 174 7.56 1.41 13.79
C PHE C 174 7.22 1.67 15.25
N GLN C 175 5.95 1.51 15.58
CA GLN C 175 5.56 1.52 16.98
C GLN C 175 5.49 0.09 17.51
N PRO C 176 5.91 -0.14 18.75
CA PRO C 176 5.97 -1.53 19.24
C PRO C 176 4.61 -2.18 19.36
N THR C 177 3.52 -1.41 19.26
CA THR C 177 2.17 -1.96 19.36
C THR C 177 1.59 -2.35 18.02
N ASN C 178 2.31 -2.10 16.92
CA ASN C 178 1.80 -2.49 15.60
C ASN C 178 1.61 -3.99 15.51
N GLY C 179 0.67 -4.40 14.66
CA GLY C 179 0.57 -5.81 14.32
C GLY C 179 1.86 -6.31 13.70
N VAL C 180 2.06 -7.63 13.76
CA VAL C 180 3.32 -8.20 13.26
C VAL C 180 3.53 -7.83 11.81
N GLY C 181 2.45 -7.72 11.04
CA GLY C 181 2.57 -7.35 9.64
C GLY C 181 3.07 -5.94 9.43
N TYR C 182 2.95 -5.08 10.44
CA TYR C 182 3.48 -3.72 10.37
C TYR C 182 4.74 -3.56 11.21
N GLN C 183 5.27 -4.65 11.75
CA GLN C 183 6.45 -4.63 12.59
C GLN C 183 7.72 -4.72 11.75
N PRO C 184 8.84 -4.24 12.28
CA PRO C 184 10.10 -4.30 11.50
C PRO C 184 10.69 -5.70 11.51
N TYR C 185 11.04 -6.18 10.33
CA TYR C 185 11.83 -7.39 10.17
C TYR C 185 13.16 -7.03 9.52
N ARG C 186 14.23 -7.62 10.02
CA ARG C 186 15.54 -7.47 9.39
C ARG C 186 15.73 -8.59 8.38
N VAL C 187 16.18 -8.23 7.18
CA VAL C 187 16.29 -9.15 6.07
C VAL C 187 17.75 -9.23 5.63
N VAL C 188 18.21 -10.44 5.33
CA VAL C 188 19.53 -10.68 4.76
C VAL C 188 19.37 -11.54 3.52
N VAL C 189 19.87 -11.06 2.38
CA VAL C 189 19.77 -11.75 1.11
C VAL C 189 21.16 -12.18 0.67
N LEU C 190 21.36 -13.49 0.56
CA LEU C 190 22.63 -14.05 0.13
C LEU C 190 22.54 -14.46 -1.34
N SER C 191 23.18 -13.70 -2.21
CA SER C 191 23.28 -14.05 -3.62
C SER C 191 24.61 -14.75 -3.86
N PHE C 192 24.56 -15.92 -4.48
CA PHE C 192 25.74 -16.72 -4.74
C PHE C 192 26.15 -16.62 -6.20
N GLU C 193 27.44 -16.86 -6.44
CA GLU C 193 28.01 -16.91 -7.78
C GLU C 193 28.46 -18.34 -8.03
N LEU C 194 27.52 -19.18 -8.44
CA LEU C 194 27.78 -20.61 -8.64
C LEU C 194 28.50 -20.85 -9.97
N LEU C 195 29.14 -22.02 -10.06
CA LEU C 195 29.98 -22.38 -11.22
C LEU C 195 29.86 -23.88 -11.46
N HIS C 196 30.78 -24.41 -12.28
CA HIS C 196 30.93 -25.86 -12.52
C HIS C 196 32.27 -26.36 -12.00
#